data_7MEF
#
_entry.id   7MEF
#
_cell.length_a   123.803
_cell.length_b   123.803
_cell.length_c   123.803
_cell.angle_alpha   90.000
_cell.angle_beta   90.000
_cell.angle_gamma   90.000
#
_symmetry.space_group_name_H-M   'P 43 3 2'
#
loop_
_entity.id
_entity.type
_entity.pdbx_description
1 polymer Beta-lactamase
2 non-polymer (2S,5R)-1-formyl-5-[(sulfooxy)amino]piperidine-2-carboxamide
3 non-polymer 'CARBON DIOXIDE'
4 non-polymer 'SULFATE ION'
5 non-polymer (4S)-2-METHYL-2,4-PENTANEDIOL
6 water water
#
_entity_poly.entity_id   1
_entity_poly.type   'polypeptide(L)'
_entity_poly.pdbx_seq_one_letter_code
;VNIVDYSDCFEGISGGAIFCNTKNKEYNIYNKELIETRRSPCSTFKIVSTLIGLEKGVINSKESVMGYDGTDYPNKNWNK
NLSLEEAFKESCVWYYKKLINKVDAKSVQNILDDLKYGNCDISEWEGDLKNGKGHLNGFWLESSLQISPKEQVQTMAKIF
EGDTNFKKEHINILRDIMAIDVNDANINVYGKTGTGFDEKNKRVDAWFVGMLEREGDTYYFAIKSDDSNKEITGPKVKEI
AINIIKKYYS
;
_entity_poly.pdbx_strand_id   A
#
loop_
_chem_comp.id
_chem_comp.type
_chem_comp.name
_chem_comp.formula
CO2 non-polymer 'CARBON DIOXIDE' 'C O2'
MPD non-polymer (4S)-2-METHYL-2,4-PENTANEDIOL 'C6 H14 O2'
NXL non-polymer (2S,5R)-1-formyl-5-[(sulfooxy)amino]piperidine-2-carboxamide 'C7 H13 N3 O6 S'
SO4 non-polymer 'SULFATE ION' 'O4 S -2'
#
# COMPACT_ATOMS: atom_id res chain seq x y z
N VAL A 1 -14.16 -15.69 11.76
CA VAL A 1 -12.96 -16.01 10.99
C VAL A 1 -13.18 -17.27 10.16
N ASN A 2 -13.18 -17.11 8.84
CA ASN A 2 -13.37 -18.20 7.90
C ASN A 2 -12.06 -18.44 7.18
N ILE A 3 -11.55 -19.65 7.24
CA ILE A 3 -10.42 -20.04 6.42
C ILE A 3 -10.96 -20.49 5.07
N VAL A 4 -10.40 -19.92 3.98
CA VAL A 4 -10.94 -20.12 2.64
C VAL A 4 -9.80 -20.52 1.71
N ASP A 5 -10.17 -21.01 0.52
CA ASP A 5 -9.22 -21.52 -0.45
C ASP A 5 -9.33 -20.67 -1.72
N TYR A 6 -8.37 -19.76 -1.90
CA TYR A 6 -8.31 -18.93 -3.10
C TYR A 6 -7.23 -19.39 -4.07
N SER A 7 -6.69 -20.59 -3.88
CA SER A 7 -5.53 -21.03 -4.66
C SER A 7 -5.80 -21.00 -6.16
N ASP A 8 -7.05 -21.23 -6.57
CA ASP A 8 -7.39 -21.21 -7.98
C ASP A 8 -6.99 -19.88 -8.63
N CYS A 9 -7.28 -18.77 -7.95
CA CYS A 9 -6.97 -17.43 -8.46
C CYS A 9 -5.49 -17.09 -8.42
N PHE A 10 -4.71 -17.75 -7.55
CA PHE A 10 -3.29 -17.45 -7.49
C PHE A 10 -2.51 -18.13 -8.60
N GLU A 11 -3.15 -19.03 -9.35
CA GLU A 11 -2.58 -19.64 -10.56
C GLU A 11 -1.14 -20.08 -10.34
N GLY A 12 -0.91 -20.76 -9.22
CA GLY A 12 0.37 -21.35 -8.93
C GLY A 12 1.34 -20.48 -8.17
N ILE A 13 1.06 -19.18 -8.02
CA ILE A 13 1.96 -18.30 -7.29
C ILE A 13 1.72 -18.43 -5.79
N SER A 14 2.81 -18.45 -5.03
CA SER A 14 2.75 -18.57 -3.58
CA SER A 14 2.71 -18.59 -3.58
C SER A 14 2.29 -17.27 -2.95
N GLY A 15 1.30 -17.33 -2.07
CA GLY A 15 0.81 -16.12 -1.43
C GLY A 15 -0.38 -16.39 -0.54
N GLY A 16 -1.08 -15.31 -0.19
CA GLY A 16 -2.26 -15.42 0.64
C GLY A 16 -3.09 -14.16 0.52
N ALA A 17 -4.28 -14.20 1.11
CA ALA A 17 -5.21 -13.09 1.01
C ALA A 17 -6.00 -12.99 2.30
N ILE A 18 -6.40 -11.77 2.65
CA ILE A 18 -7.34 -11.55 3.75
C ILE A 18 -8.32 -10.45 3.35
N PHE A 19 -9.61 -10.74 3.48
CA PHE A 19 -10.69 -9.77 3.30
C PHE A 19 -11.47 -9.69 4.60
N CYS A 20 -11.85 -8.47 5.01
CA CYS A 20 -12.53 -8.26 6.27
CA CYS A 20 -12.51 -8.24 6.29
C CYS A 20 -13.65 -7.26 6.12
N ASN A 21 -14.84 -7.65 6.56
CA ASN A 21 -16.00 -6.76 6.57
C ASN A 21 -16.23 -6.42 8.04
N THR A 22 -15.97 -5.17 8.40
CA THR A 22 -16.03 -4.78 9.80
C THR A 22 -17.45 -4.55 10.30
N LYS A 23 -18.44 -4.51 9.42
CA LYS A 23 -19.83 -4.32 9.86
C LYS A 23 -20.39 -5.61 10.44
N ASN A 24 -20.11 -6.75 9.82
CA ASN A 24 -20.50 -8.05 10.33
C ASN A 24 -19.29 -8.89 10.70
N LYS A 25 -18.21 -8.23 11.11
CA LYS A 25 -16.94 -8.80 11.57
C LYS A 25 -16.49 -10.08 10.88
N GLU A 26 -16.91 -10.32 9.63
CA GLU A 26 -16.52 -11.55 8.94
C GLU A 26 -15.12 -11.38 8.35
N TYR A 27 -14.30 -12.40 8.56
CA TYR A 27 -12.85 -12.35 8.36
C TYR A 27 -12.49 -13.54 7.48
N ASN A 28 -12.26 -13.33 6.18
CA ASN A 28 -11.95 -14.40 5.25
C ASN A 28 -10.44 -14.43 4.97
N ILE A 29 -9.83 -15.59 5.25
CA ILE A 29 -8.37 -15.71 5.28
C ILE A 29 -7.92 -16.89 4.43
N TYR A 30 -7.01 -16.63 3.50
CA TYR A 30 -6.32 -17.66 2.74
C TYR A 30 -4.83 -17.59 3.07
N ASN A 31 -4.29 -18.70 3.57
CA ASN A 31 -2.91 -18.83 4.04
C ASN A 31 -2.66 -17.99 5.28
N LYS A 32 -3.19 -18.45 6.40
CA LYS A 32 -3.17 -17.71 7.66
C LYS A 32 -1.75 -17.37 8.10
N GLU A 33 -0.82 -18.32 7.98
CA GLU A 33 0.56 -18.09 8.40
C GLU A 33 1.18 -16.91 7.64
N LEU A 34 0.90 -16.82 6.34
CA LEU A 34 1.48 -15.73 5.57
C LEU A 34 0.81 -14.41 5.92
N ILE A 35 -0.52 -14.44 6.12
CA ILE A 35 -1.30 -13.25 6.45
C ILE A 35 -0.86 -12.63 7.77
N GLU A 36 -0.27 -13.41 8.66
CA GLU A 36 0.18 -12.90 9.95
C GLU A 36 1.66 -12.49 9.95
N THR A 37 2.39 -12.68 8.85
CA THR A 37 3.83 -12.45 8.79
C THR A 37 4.15 -11.02 8.32
N ARG A 38 4.97 -10.31 9.08
CA ARG A 38 5.34 -8.93 8.79
C ARG A 38 6.39 -8.88 7.69
N ARG A 39 6.19 -7.99 6.70
CA ARG A 39 7.14 -7.77 5.62
C ARG A 39 7.17 -6.29 5.29
N SER A 40 8.21 -5.87 4.56
CA SER A 40 8.28 -4.49 4.12
C SER A 40 7.03 -4.13 3.33
N PRO A 41 6.37 -3.00 3.63
CA PRO A 41 5.21 -2.59 2.82
C PRO A 41 5.56 -2.15 1.40
N CYS A 42 6.79 -1.74 1.12
CA CYS A 42 7.18 -1.23 -0.22
C CYS A 42 6.27 -0.06 -0.57
N SER A 43 5.86 0.07 -1.86
CA SER A 43 5.09 1.25 -2.27
C SER A 43 3.69 1.32 -1.69
N THR A 44 3.19 0.28 -1.00
CA THR A 44 1.90 0.43 -0.33
C THR A 44 1.97 1.43 0.80
N PHE A 45 3.18 1.78 1.27
CA PHE A 45 3.30 2.81 2.30
C PHE A 45 2.84 4.17 1.79
N LYS A 46 2.76 4.37 0.47
CA LYS A 46 2.28 5.65 -0.07
C LYS A 46 0.87 5.99 0.42
N ILE A 47 0.07 4.99 0.79
CA ILE A 47 -1.23 5.26 1.40
C ILE A 47 -1.07 6.09 2.66
N VAL A 48 -0.12 5.71 3.51
CA VAL A 48 0.09 6.42 4.77
C VAL A 48 0.93 7.67 4.56
N SER A 49 1.98 7.61 3.73
CA SER A 49 2.81 8.78 3.56
CA SER A 49 2.84 8.77 3.51
C SER A 49 2.05 9.93 2.92
N THR A 50 1.09 9.63 2.05
CA THR A 50 0.23 10.69 1.51
C THR A 50 -0.51 11.39 2.64
N LEU A 51 -1.09 10.62 3.56
CA LEU A 51 -1.83 11.22 4.67
C LEU A 51 -0.92 11.99 5.60
N ILE A 52 0.30 11.49 5.83
CA ILE A 52 1.25 12.23 6.66
C ILE A 52 1.54 13.60 6.03
N GLY A 53 1.82 13.61 4.73
CA GLY A 53 2.15 14.87 4.07
C GLY A 53 1.00 15.86 4.09
N LEU A 54 -0.23 15.37 3.91
CA LEU A 54 -1.41 16.22 3.98
C LEU A 54 -1.56 16.81 5.38
N GLU A 55 -1.46 15.96 6.40
CA GLU A 55 -1.62 16.41 7.79
C GLU A 55 -0.59 17.45 8.16
N LYS A 56 0.66 17.29 7.72
CA LYS A 56 1.71 18.24 8.04
C LYS A 56 1.72 19.46 7.12
N GLY A 57 0.87 19.51 6.11
CA GLY A 57 0.84 20.66 5.23
C GLY A 57 1.92 20.69 4.17
N VAL A 58 2.70 19.61 4.03
CA VAL A 58 3.68 19.54 2.94
C VAL A 58 2.98 19.54 1.59
N ILE A 59 1.82 18.87 1.50
CA ILE A 59 0.92 18.87 0.35
C ILE A 59 -0.47 19.19 0.87
N ASN A 60 -1.36 19.58 -0.05
CA ASN A 60 -2.66 20.07 0.39
C ASN A 60 -3.83 19.57 -0.43
N SER A 61 -3.61 19.05 -1.63
CA SER A 61 -4.70 18.65 -2.50
C SER A 61 -4.16 17.64 -3.49
N LYS A 62 -5.06 17.02 -4.25
CA LYS A 62 -4.54 16.08 -5.24
C LYS A 62 -3.81 16.77 -6.37
N GLU A 63 -3.81 18.12 -6.44
CA GLU A 63 -3.03 18.91 -7.37
C GLU A 63 -1.61 19.22 -6.89
N SER A 64 -1.33 19.05 -5.60
CA SER A 64 -0.13 19.65 -5.00
C SER A 64 1.15 19.13 -5.65
N VAL A 65 2.16 20.01 -5.75
CA VAL A 65 3.42 19.65 -6.38
C VAL A 65 4.52 19.73 -5.32
N MET A 66 5.63 19.05 -5.62
CA MET A 66 6.87 18.99 -4.84
C MET A 66 8.09 19.63 -5.50
N GLY A 67 7.89 20.46 -6.53
CA GLY A 67 9.00 21.26 -7.01
C GLY A 67 10.10 20.50 -7.76
N TYR A 68 9.70 19.78 -8.81
CA TYR A 68 10.63 19.01 -9.64
C TYR A 68 11.87 19.84 -10.02
N ASP A 69 13.06 19.25 -9.87
CA ASP A 69 14.29 20.01 -10.09
C ASP A 69 15.00 19.66 -11.40
N GLY A 70 14.38 18.86 -12.26
CA GLY A 70 15.00 18.56 -13.54
C GLY A 70 15.85 17.31 -13.61
N THR A 71 16.00 16.57 -12.50
CA THR A 71 16.80 15.35 -12.51
C THR A 71 16.28 14.33 -13.52
N ASP A 72 17.21 13.69 -14.24
CA ASP A 72 16.85 12.72 -15.27
C ASP A 72 16.47 11.38 -14.66
N TYR A 73 15.33 10.83 -15.06
CA TYR A 73 14.87 9.51 -14.63
C TYR A 73 14.43 8.68 -15.84
N PRO A 74 14.61 7.36 -15.78
CA PRO A 74 14.16 6.51 -16.89
C PRO A 74 12.66 6.49 -17.11
N ASN A 75 11.81 6.58 -16.07
CA ASN A 75 10.37 6.68 -16.29
C ASN A 75 10.06 8.09 -16.77
N LYS A 76 9.62 8.21 -18.02
CA LYS A 76 9.11 9.44 -18.63
C LYS A 76 8.37 10.34 -17.64
N ASN A 77 7.38 9.75 -16.98
CA ASN A 77 6.42 10.52 -16.20
C ASN A 77 7.00 11.06 -14.90
N TRP A 78 8.18 10.59 -14.49
CA TRP A 78 8.84 11.16 -13.32
C TRP A 78 9.58 12.45 -13.66
N ASN A 79 9.74 12.74 -14.95
CA ASN A 79 10.53 13.89 -15.40
C ASN A 79 9.67 15.13 -15.58
N LYS A 80 8.87 15.47 -14.57
CA LYS A 80 8.02 16.64 -14.68
C LYS A 80 7.53 17.01 -13.29
N ASN A 81 6.90 18.17 -13.21
CA ASN A 81 6.41 18.70 -11.93
C ASN A 81 5.02 18.12 -11.66
N LEU A 82 5.01 16.83 -11.39
CA LEU A 82 3.74 16.11 -11.35
C LEU A 82 2.98 16.39 -10.05
N SER A 83 1.66 16.26 -10.14
CA SER A 83 0.78 16.47 -9.01
C SER A 83 0.80 15.25 -8.09
N LEU A 84 0.20 15.42 -6.90
CA LEU A 84 0.03 14.28 -5.98
C LEU A 84 -0.67 13.11 -6.65
N GLU A 85 -1.75 13.40 -7.37
CA GLU A 85 -2.49 12.31 -8.01
C GLU A 85 -1.62 11.55 -9.01
N GLU A 86 -0.81 12.25 -9.81
CA GLU A 86 0.06 11.55 -10.77
CA GLU A 86 0.05 11.53 -10.76
C GLU A 86 1.21 10.83 -10.08
N ALA A 87 1.80 11.47 -9.06
CA ALA A 87 2.93 10.83 -8.37
C ALA A 87 2.46 9.54 -7.70
N PHE A 88 1.25 9.54 -7.14
CA PHE A 88 0.68 8.33 -6.56
C PHE A 88 0.48 7.26 -7.63
N LYS A 89 -0.16 7.63 -8.75
CA LYS A 89 -0.45 6.63 -9.78
C LYS A 89 0.81 6.14 -10.50
N GLU A 90 1.83 6.99 -10.64
CA GLU A 90 3.10 6.56 -11.24
C GLU A 90 4.10 6.03 -10.22
N SER A 91 3.77 6.01 -8.94
CA SER A 91 4.70 5.60 -7.89
C SER A 91 6.03 6.34 -8.05
N CYS A 92 5.96 7.68 -8.07
CA CYS A 92 7.15 8.48 -8.33
C CYS A 92 7.96 8.54 -7.04
N VAL A 93 9.11 7.86 -7.03
CA VAL A 93 9.90 7.74 -5.81
C VAL A 93 10.42 9.09 -5.35
N TRP A 94 10.92 9.94 -6.26
CA TRP A 94 11.57 11.16 -5.79
C TRP A 94 10.56 12.08 -5.11
N TYR A 95 9.34 12.13 -5.64
CA TYR A 95 8.28 12.95 -5.06
C TYR A 95 8.00 12.54 -3.63
N TYR A 96 7.87 11.23 -3.39
CA TYR A 96 7.51 10.75 -2.05
C TYR A 96 8.69 10.77 -1.09
N LYS A 97 9.92 10.66 -1.62
CA LYS A 97 11.09 10.82 -0.77
C LYS A 97 11.24 12.27 -0.34
N LYS A 98 11.07 13.22 -1.27
CA LYS A 98 11.15 14.63 -0.91
C LYS A 98 10.07 14.98 0.10
N LEU A 99 8.86 14.47 -0.11
CA LEU A 99 7.74 14.68 0.81
C LEU A 99 8.10 14.21 2.22
N ILE A 100 8.48 12.93 2.36
CA ILE A 100 8.72 12.40 3.71
C ILE A 100 9.92 13.07 4.37
N ASN A 101 10.92 13.50 3.59
CA ASN A 101 12.09 14.11 4.20
C ASN A 101 11.84 15.54 4.68
N LYS A 102 10.67 16.09 4.41
CA LYS A 102 10.25 17.36 5.01
C LYS A 102 9.59 17.18 6.38
N VAL A 103 9.41 15.95 6.84
CA VAL A 103 8.70 15.66 8.08
C VAL A 103 9.69 15.12 9.10
N ASP A 104 9.65 15.65 10.33
CA ASP A 104 10.56 15.20 11.38
C ASP A 104 10.25 13.75 11.79
N ALA A 105 11.27 13.07 12.31
CA ALA A 105 11.10 11.64 12.58
C ALA A 105 10.13 11.39 13.72
N LYS A 106 10.08 12.27 14.72
CA LYS A 106 9.18 12.05 15.85
C LYS A 106 7.72 12.11 15.41
N SER A 107 7.37 13.02 14.50
CA SER A 107 6.01 13.09 13.98
C SER A 107 5.63 11.81 13.24
N VAL A 108 6.55 11.28 12.44
CA VAL A 108 6.31 10.04 11.71
C VAL A 108 6.17 8.88 12.68
N GLN A 109 7.09 8.80 13.66
CA GLN A 109 7.01 7.74 14.67
C GLN A 109 5.67 7.74 15.38
N ASN A 110 5.19 8.92 15.78
CA ASN A 110 3.94 9.00 16.54
C ASN A 110 2.73 8.66 15.67
N ILE A 111 2.76 9.00 14.39
CA ILE A 111 1.65 8.63 13.50
C ILE A 111 1.62 7.12 13.29
N LEU A 112 2.79 6.51 13.02
CA LEU A 112 2.82 5.05 12.86
C LEU A 112 2.37 4.35 14.14
N ASP A 113 2.84 4.84 15.30
CA ASP A 113 2.40 4.28 16.58
C ASP A 113 0.88 4.36 16.74
N ASP A 114 0.29 5.53 16.45
CA ASP A 114 -1.16 5.69 16.54
C ASP A 114 -1.89 4.73 15.62
N LEU A 115 -1.36 4.50 14.42
CA LEU A 115 -1.98 3.61 13.44
C LEU A 115 -1.70 2.14 13.72
N LYS A 116 -0.85 1.82 14.71
CA LYS A 116 -0.32 0.47 14.90
C LYS A 116 0.21 -0.11 13.59
N TYR A 117 1.14 0.62 12.99
CA TYR A 117 1.58 0.29 11.63
C TYR A 117 2.73 -0.71 11.74
N GLY A 118 2.36 -1.98 11.94
CA GLY A 118 3.35 -3.04 12.06
C GLY A 118 4.33 -2.77 13.18
N ASN A 119 5.62 -3.00 12.91
CA ASN A 119 6.65 -2.79 13.91
C ASN A 119 6.99 -1.31 14.14
N CYS A 120 6.44 -0.40 13.32
CA CYS A 120 6.64 1.04 13.53
C CYS A 120 8.13 1.40 13.62
N ASP A 121 8.97 0.66 12.90
CA ASP A 121 10.43 0.77 13.03
C ASP A 121 10.93 1.66 11.89
N ILE A 122 11.23 2.91 12.21
CA ILE A 122 11.78 3.82 11.23
C ILE A 122 13.26 4.07 11.48
N SER A 123 13.93 3.16 12.19
CA SER A 123 15.32 3.39 12.59
C SER A 123 16.24 3.54 11.39
N GLU A 124 15.98 2.79 10.30
CA GLU A 124 16.80 2.89 9.10
C GLU A 124 16.10 3.86 8.13
N TRP A 125 16.08 5.14 8.55
CA TRP A 125 15.32 6.16 7.83
C TRP A 125 15.73 6.22 6.36
N GLU A 126 17.03 6.14 6.10
CA GLU A 126 17.45 6.31 4.71
CA GLU A 126 17.65 6.21 4.77
C GLU A 126 17.31 5.03 3.89
N GLY A 127 16.86 3.91 4.47
CA GLY A 127 16.57 2.72 3.71
C GLY A 127 17.78 1.84 3.50
N ASP A 128 17.63 0.95 2.50
CA ASP A 128 18.54 -0.18 2.29
C ASP A 128 19.66 0.26 1.36
N LEU A 129 20.60 1.05 1.89
CA LEU A 129 21.62 1.68 1.06
C LEU A 129 22.56 0.68 0.39
N LYS A 130 22.64 -0.55 0.90
CA LYS A 130 23.55 -1.51 0.28
C LYS A 130 23.12 -1.89 -1.13
N ASN A 131 21.85 -1.62 -1.51
CA ASN A 131 21.45 -1.91 -2.88
C ASN A 131 21.98 -0.89 -3.90
N GLY A 132 22.72 0.14 -3.46
CA GLY A 132 23.36 1.09 -4.36
C GLY A 132 22.47 2.20 -4.90
N LYS A 133 21.18 2.19 -4.59
CA LYS A 133 20.26 3.16 -5.19
C LYS A 133 20.22 4.50 -4.44
N GLY A 134 21.01 4.67 -3.39
CA GLY A 134 21.24 6.00 -2.84
C GLY A 134 19.96 6.62 -2.31
N HIS A 135 19.62 7.79 -2.82
CA HIS A 135 18.49 8.55 -2.31
C HIS A 135 17.14 8.03 -2.78
N LEU A 136 17.11 7.04 -3.68
CA LEU A 136 15.92 6.29 -4.08
C LEU A 136 15.62 5.15 -3.11
N ASN A 137 15.72 5.39 -1.82
CA ASN A 137 15.58 4.39 -0.79
C ASN A 137 14.84 5.02 0.38
N GLY A 138 14.32 4.18 1.29
CA GLY A 138 13.76 4.70 2.52
C GLY A 138 13.36 3.56 3.43
N PHE A 139 13.00 3.92 4.68
CA PHE A 139 12.68 2.92 5.69
C PHE A 139 11.53 2.01 5.28
N TRP A 140 10.71 2.42 4.31
CA TRP A 140 9.54 1.64 3.92
C TRP A 140 9.80 0.71 2.74
N LEU A 141 11.01 0.70 2.17
CA LEU A 141 11.32 -0.06 0.95
CA LEU A 141 11.31 -0.08 0.97
C LEU A 141 12.38 -1.12 1.29
N GLU A 142 11.94 -2.32 1.67
CA GLU A 142 12.83 -3.45 2.00
C GLU A 142 13.88 -3.02 3.03
N SER A 143 13.39 -2.46 4.13
CA SER A 143 14.27 -1.80 5.10
C SER A 143 13.70 -2.09 6.49
N SER A 144 13.77 -1.14 7.43
CA SER A 144 13.44 -1.50 8.80
C SER A 144 11.93 -1.68 9.05
N LEU A 145 11.07 -0.98 8.32
CA LEU A 145 9.64 -1.01 8.62
C LEU A 145 8.97 -2.26 8.04
N GLN A 146 8.18 -2.94 8.86
CA GLN A 146 7.57 -4.20 8.43
C GLN A 146 6.17 -4.31 9.00
N ILE A 147 5.25 -4.81 8.17
CA ILE A 147 3.84 -4.90 8.53
C ILE A 147 3.24 -6.15 7.90
N SER A 148 2.30 -6.79 8.62
CA SER A 148 1.68 -7.99 8.07
C SER A 148 0.46 -7.61 7.23
N PRO A 149 0.05 -8.49 6.31
CA PRO A 149 -1.20 -8.24 5.58
C PRO A 149 -2.40 -8.02 6.50
N LYS A 150 -2.51 -8.79 7.58
CA LYS A 150 -3.59 -8.54 8.53
C LYS A 150 -3.50 -7.13 9.13
N GLU A 151 -2.29 -6.69 9.45
CA GLU A 151 -2.14 -5.36 10.03
C GLU A 151 -2.46 -4.27 9.00
N GLN A 152 -2.09 -4.50 7.75
CA GLN A 152 -2.46 -3.58 6.67
C GLN A 152 -3.97 -3.39 6.62
N VAL A 153 -4.71 -4.51 6.63
CA VAL A 153 -6.18 -4.44 6.61
C VAL A 153 -6.69 -3.69 7.83
N GLN A 154 -6.11 -3.95 9.00
CA GLN A 154 -6.55 -3.25 10.21
C GLN A 154 -6.29 -1.75 10.11
N THR A 155 -5.15 -1.37 9.54
CA THR A 155 -4.85 0.04 9.32
C THR A 155 -5.81 0.67 8.31
N MET A 156 -6.10 -0.04 7.22
CA MET A 156 -6.95 0.52 6.18
C MET A 156 -8.32 0.80 6.77
N ALA A 157 -8.85 -0.18 7.51
CA ALA A 157 -10.17 -0.04 8.12
C ALA A 157 -10.21 1.16 9.06
N LYS A 158 -9.18 1.32 9.91
CA LYS A 158 -9.19 2.43 10.86
C LYS A 158 -9.23 3.77 10.12
N ILE A 159 -8.44 3.90 9.06
CA ILE A 159 -8.39 5.15 8.32
C ILE A 159 -9.73 5.44 7.64
N PHE A 160 -10.23 4.49 6.86
CA PHE A 160 -11.35 4.79 5.97
C PHE A 160 -12.71 4.67 6.64
N GLU A 161 -12.77 4.03 7.82
CA GLU A 161 -13.98 4.10 8.64
C GLU A 161 -14.01 5.37 9.50
N GLY A 162 -13.01 6.24 9.39
CA GLY A 162 -13.01 7.48 10.13
C GLY A 162 -12.60 7.37 11.58
N ASP A 163 -11.81 6.35 11.93
CA ASP A 163 -11.45 6.12 13.32
C ASP A 163 -10.06 6.65 13.67
N THR A 164 -9.40 7.36 12.75
CA THR A 164 -8.16 8.04 13.06
C THR A 164 -8.43 9.53 13.18
N ASN A 165 -7.40 10.28 13.52
CA ASN A 165 -7.47 11.72 13.65
C ASN A 165 -7.24 12.46 12.34
N PHE A 166 -6.88 11.76 11.27
CA PHE A 166 -6.70 12.42 9.99
C PHE A 166 -7.97 13.13 9.56
N LYS A 167 -7.83 14.28 8.93
CA LYS A 167 -8.99 15.04 8.47
C LYS A 167 -9.77 14.26 7.41
N LYS A 168 -11.11 14.36 7.50
CA LYS A 168 -11.98 13.73 6.51
C LYS A 168 -11.64 14.18 5.10
N GLU A 169 -11.37 15.48 4.92
CA GLU A 169 -10.95 16.00 3.62
C GLU A 169 -9.74 15.26 3.07
N HIS A 170 -8.78 14.93 3.94
CA HIS A 170 -7.57 14.23 3.52
C HIS A 170 -7.83 12.77 3.21
N ILE A 171 -8.68 12.12 4.02
CA ILE A 171 -9.14 10.77 3.70
C ILE A 171 -9.77 10.74 2.31
N ASN A 172 -10.59 11.75 1.98
CA ASN A 172 -11.27 11.70 0.69
C ASN A 172 -10.31 11.90 -0.48
N ILE A 173 -9.26 12.70 -0.30
CA ILE A 173 -8.24 12.84 -1.34
C ILE A 173 -7.60 11.49 -1.62
N LEU A 174 -7.25 10.78 -0.55
CA LEU A 174 -6.67 9.45 -0.72
C LEU A 174 -7.65 8.48 -1.36
N ARG A 175 -8.91 8.49 -0.94
CA ARG A 175 -9.91 7.68 -1.62
C ARG A 175 -9.93 7.96 -3.11
N ASP A 176 -10.00 9.26 -3.44
CA ASP A 176 -9.99 9.71 -4.84
CA ASP A 176 -10.01 9.68 -4.85
C ASP A 176 -8.86 9.05 -5.62
N ILE A 177 -7.63 9.22 -5.14
CA ILE A 177 -6.48 8.81 -5.92
C ILE A 177 -6.21 7.31 -5.85
N MET A 178 -6.85 6.56 -4.93
CA MET A 178 -6.68 5.11 -4.96
C MET A 178 -7.75 4.39 -5.76
N ALA A 179 -8.75 5.09 -6.30
CA ALA A 179 -9.82 4.42 -7.02
C ALA A 179 -9.25 3.72 -8.23
N ILE A 180 -9.71 2.49 -8.45
CA ILE A 180 -9.29 1.58 -9.52
C ILE A 180 -10.50 1.32 -10.41
N ASP A 181 -10.27 1.12 -11.70
CA ASP A 181 -11.34 0.73 -12.61
C ASP A 181 -11.19 -0.75 -12.94
N VAL A 182 -12.17 -1.55 -12.54
CA VAL A 182 -12.11 -3.00 -12.74
C VAL A 182 -13.12 -3.45 -13.81
N ASN A 183 -13.62 -2.50 -14.60
CA ASN A 183 -14.64 -2.77 -15.63
C ASN A 183 -15.86 -3.48 -15.06
N ASP A 184 -16.26 -3.10 -13.85
CA ASP A 184 -17.50 -3.58 -13.24
C ASP A 184 -18.07 -2.43 -12.43
N ALA A 185 -19.12 -1.80 -12.94
CA ALA A 185 -19.66 -0.61 -12.30
C ALA A 185 -20.36 -0.92 -10.98
N ASN A 186 -20.58 -2.19 -10.66
CA ASN A 186 -21.32 -2.56 -9.46
C ASN A 186 -20.42 -2.78 -8.24
N ILE A 187 -19.11 -2.61 -8.38
CA ILE A 187 -18.20 -2.61 -7.24
C ILE A 187 -17.24 -1.45 -7.39
N ASN A 188 -16.96 -0.76 -6.29
CA ASN A 188 -15.93 0.26 -6.23
C ASN A 188 -14.69 -0.35 -5.58
N VAL A 189 -13.59 -0.41 -6.32
CA VAL A 189 -12.34 -0.95 -5.78
C VAL A 189 -11.35 0.20 -5.66
N TYR A 190 -10.61 0.20 -4.55
CA TYR A 190 -9.52 1.14 -4.30
C TYR A 190 -8.31 0.33 -3.85
N GLY A 191 -7.12 0.73 -4.28
CA GLY A 191 -5.94 0.01 -3.78
C GLY A 191 -4.63 0.66 -4.16
N LYS A 192 -3.55 -0.01 -3.77
CA LYS A 192 -2.20 0.37 -4.15
C LYS A 192 -1.31 -0.88 -4.17
N THR A 193 -0.48 -1.01 -5.21
CA THR A 193 0.47 -2.10 -5.32
C THR A 193 1.78 -1.75 -4.62
N GLY A 194 2.56 -2.80 -4.37
CA GLY A 194 3.93 -2.62 -3.89
C GLY A 194 4.77 -3.76 -4.40
N THR A 195 6.03 -3.47 -4.67
CA THR A 195 6.94 -4.49 -5.20
C THR A 195 8.30 -4.35 -4.54
N GLY A 196 8.81 -5.45 -4.01
CA GLY A 196 10.14 -5.48 -3.45
C GLY A 196 10.68 -6.89 -3.58
N PHE A 197 11.99 -7.00 -3.37
CA PHE A 197 12.63 -8.31 -3.31
C PHE A 197 13.35 -8.42 -1.97
N ASP A 198 13.02 -9.47 -1.22
CA ASP A 198 13.66 -9.75 0.06
C ASP A 198 14.96 -10.49 -0.21
N GLU A 199 16.08 -9.76 -0.17
CA GLU A 199 17.38 -10.34 -0.49
C GLU A 199 17.79 -11.41 0.53
N LYS A 200 17.33 -11.27 1.78
CA LYS A 200 17.69 -12.23 2.81
C LYS A 200 17.07 -13.59 2.54
N ASN A 201 15.76 -13.61 2.28
CA ASN A 201 15.03 -14.86 2.04
C ASN A 201 14.96 -15.24 0.57
N LYS A 202 15.45 -14.40 -0.35
CA LYS A 202 15.29 -14.61 -1.79
C LYS A 202 13.83 -14.83 -2.19
N ARG A 203 12.95 -13.95 -1.70
CA ARG A 203 11.54 -13.98 -2.10
C ARG A 203 11.06 -12.56 -2.37
N VAL A 204 10.10 -12.45 -3.28
CA VAL A 204 9.47 -11.16 -3.58
C VAL A 204 8.56 -10.75 -2.43
N ASP A 205 8.40 -9.44 -2.26
CA ASP A 205 7.29 -8.88 -1.50
C ASP A 205 6.40 -8.18 -2.51
N ALA A 206 5.34 -8.84 -2.96
CA ALA A 206 4.44 -8.28 -3.96
C ALA A 206 3.07 -8.13 -3.31
N TRP A 207 2.55 -6.90 -3.35
CA TRP A 207 1.38 -6.48 -2.58
C TRP A 207 0.29 -5.91 -3.47
N PHE A 208 -0.97 -6.09 -3.04
CA PHE A 208 -2.08 -5.23 -3.42
C PHE A 208 -2.98 -5.07 -2.21
N VAL A 209 -3.06 -3.86 -1.67
CA VAL A 209 -3.86 -3.58 -0.48
CA VAL A 209 -3.82 -3.54 -0.45
C VAL A 209 -4.87 -2.49 -0.80
N GLY A 210 -6.08 -2.62 -0.22
CA GLY A 210 -7.10 -1.61 -0.46
C GLY A 210 -8.46 -1.97 0.13
N MET A 211 -9.50 -1.52 -0.55
CA MET A 211 -10.84 -1.79 -0.07
CA MET A 211 -10.87 -1.68 -0.07
C MET A 211 -11.80 -1.92 -1.24
N LEU A 212 -12.96 -2.48 -0.94
CA LEU A 212 -13.98 -2.83 -1.90
C LEU A 212 -15.32 -2.42 -1.32
N GLU A 213 -16.14 -1.73 -2.09
CA GLU A 213 -17.47 -1.38 -1.67
C GLU A 213 -18.46 -1.95 -2.66
N ARG A 214 -19.44 -2.66 -2.17
CA ARG A 214 -20.50 -3.25 -2.99
C ARG A 214 -21.79 -3.25 -2.17
N GLU A 215 -22.74 -2.41 -2.60
CA GLU A 215 -24.04 -2.23 -1.95
C GLU A 215 -23.99 -2.31 -0.43
N GLY A 216 -23.65 -1.21 0.22
CA GLY A 216 -23.61 -1.22 1.68
C GLY A 216 -22.44 -1.91 2.35
N ASP A 217 -22.04 -3.09 1.88
CA ASP A 217 -20.87 -3.76 2.44
C ASP A 217 -19.58 -3.14 1.93
N THR A 218 -18.63 -3.00 2.84
CA THR A 218 -17.25 -2.62 2.55
C THR A 218 -16.34 -3.73 3.06
N TYR A 219 -15.37 -4.14 2.23
CA TYR A 219 -14.37 -5.12 2.62
C TYR A 219 -13.00 -4.46 2.52
N TYR A 220 -12.19 -4.58 3.57
CA TYR A 220 -10.79 -4.17 3.54
C TYR A 220 -9.95 -5.40 3.23
N PHE A 221 -8.97 -5.26 2.34
CA PHE A 221 -8.23 -6.44 1.89
C PHE A 221 -6.75 -6.17 1.71
N ALA A 222 -5.98 -7.26 1.79
CA ALA A 222 -4.57 -7.28 1.47
C ALA A 222 -4.28 -8.62 0.81
N ILE A 223 -3.66 -8.57 -0.37
CA ILE A 223 -3.21 -9.76 -1.07
C ILE A 223 -1.70 -9.66 -1.18
N LYS A 224 -1.02 -10.77 -0.93
CA LYS A 224 0.42 -10.75 -0.76
C LYS A 224 1.01 -12.02 -1.33
N SER A 225 2.06 -11.87 -2.16
CA SER A 225 2.85 -13.00 -2.60
C SER A 225 4.24 -12.92 -1.97
N ASP A 226 4.78 -14.10 -1.63
CA ASP A 226 6.17 -14.26 -1.22
C ASP A 226 6.90 -15.23 -2.13
N ASP A 227 6.54 -15.28 -3.40
CA ASP A 227 7.09 -16.28 -4.31
C ASP A 227 8.60 -16.06 -4.51
N SER A 228 9.31 -17.14 -4.85
CA SER A 228 10.72 -16.97 -5.16
C SER A 228 10.94 -16.46 -6.59
N ASN A 229 9.90 -16.44 -7.42
CA ASN A 229 10.03 -15.98 -8.80
C ASN A 229 10.05 -14.46 -8.84
N LYS A 230 11.15 -13.89 -9.33
CA LYS A 230 11.27 -12.44 -9.42
C LYS A 230 10.31 -11.81 -10.42
N GLU A 231 9.64 -12.59 -11.27
CA GLU A 231 8.66 -11.94 -12.13
C GLU A 231 7.37 -11.61 -11.42
N ILE A 232 7.19 -12.03 -10.17
CA ILE A 232 5.94 -11.77 -9.47
C ILE A 232 6.02 -10.39 -8.86
N THR A 233 5.25 -9.46 -9.42
CA THR A 233 5.25 -8.05 -9.02
C THR A 233 3.91 -7.68 -8.37
N GLY A 234 3.88 -6.49 -7.77
CA GLY A 234 2.65 -5.93 -7.28
C GLY A 234 1.54 -5.89 -8.32
N PRO A 235 1.84 -5.34 -9.51
CA PRO A 235 0.84 -5.39 -10.58
C PRO A 235 0.31 -6.79 -10.84
N LYS A 236 1.17 -7.81 -10.83
CA LYS A 236 0.68 -9.18 -11.03
C LYS A 236 -0.24 -9.58 -9.88
N VAL A 237 0.12 -9.21 -8.65
CA VAL A 237 -0.70 -9.58 -7.51
C VAL A 237 -2.02 -8.80 -7.53
N LYS A 238 -2.01 -7.60 -8.11
CA LYS A 238 -3.27 -6.86 -8.25
C LYS A 238 -4.22 -7.59 -9.19
N GLU A 239 -3.69 -8.14 -10.29
CA GLU A 239 -4.48 -9.01 -11.16
C GLU A 239 -5.14 -10.13 -10.37
N ILE A 240 -4.35 -10.85 -9.56
CA ILE A 240 -4.87 -11.94 -8.75
C ILE A 240 -5.99 -11.44 -7.84
N ALA A 241 -5.76 -10.30 -7.16
CA ALA A 241 -6.78 -9.75 -6.28
C ALA A 241 -8.07 -9.43 -7.04
N ILE A 242 -7.94 -8.91 -8.26
CA ILE A 242 -9.14 -8.56 -9.03
C ILE A 242 -9.91 -9.83 -9.39
N ASN A 243 -9.19 -10.91 -9.75
CA ASN A 243 -9.84 -12.19 -10.00
C ASN A 243 -10.59 -12.70 -8.77
N ILE A 244 -9.99 -12.58 -7.59
CA ILE A 244 -10.67 -12.99 -6.36
C ILE A 244 -11.93 -12.15 -6.15
N ILE A 245 -11.82 -10.83 -6.31
CA ILE A 245 -12.97 -9.96 -6.06
C ILE A 245 -14.13 -10.31 -6.99
N LYS A 246 -13.82 -10.53 -8.27
CA LYS A 246 -14.87 -10.82 -9.24
CA LYS A 246 -14.87 -10.81 -9.24
C LYS A 246 -15.49 -12.20 -9.01
N LYS A 247 -14.67 -13.17 -8.59
CA LYS A 247 -15.21 -14.51 -8.38
C LYS A 247 -15.99 -14.63 -7.07
N TYR A 248 -15.48 -14.05 -5.98
CA TYR A 248 -16.06 -14.33 -4.67
C TYR A 248 -16.77 -13.13 -4.03
N TYR A 249 -16.57 -11.91 -4.52
CA TYR A 249 -17.09 -10.73 -3.82
C TYR A 249 -18.00 -9.88 -4.69
N SER A 250 -18.59 -10.46 -5.73
CA SER A 250 -19.43 -9.71 -6.66
C SER A 250 -20.91 -9.72 -6.24
OAC NXL B . 6.86 -0.72 -4.28
CAN NXL B . 7.08 0.39 -4.74
N NXL B . 7.96 0.64 -5.63
CAJ NXL B . 7.93 1.88 -6.40
CAJ NXL B . 8.56 -0.41 -6.45
CA NXL B . 9.08 -0.25 -5.95
CA NXL B . 8.43 1.98 -5.94
C NXL B . 10.46 0.33 -5.75
C NXL B . 8.31 2.36 -7.39
O NXL B . 10.63 1.29 -5.03
O NXL B . 9.11 3.14 -7.87
NAA NXL B . 11.49 -0.26 -6.35
NAA NXL B . 7.31 1.85 -8.13
CB NXL B . 8.89 -0.67 -7.41
CB NXL B . 9.87 2.01 -5.46
CAH NXL B . 8.61 0.50 -8.36
CAH NXL B . 10.70 0.96 -6.19
CAO NXL B . 7.58 1.50 -7.84
CAO NXL B . 10.06 -0.43 -6.16
NAK NXL B . 6.17 1.04 -7.97
NAK NXL B . 10.25 -1.02 -4.83
OAL NXL B . 5.94 -0.22 -7.51
OAL NXL B . 11.18 -2.00 -4.88
SAR NXL B . 4.58 -0.84 -7.77
SAR NXL B . 12.46 -1.95 -4.04
OAD NXL B . 4.39 -0.98 -9.40
OAD NXL B . 12.13 -1.39 -2.54
OAE NXL B . 3.58 0.03 -7.24
OAE NXL B . 13.40 -1.08 -4.69
OAG NXL B . 4.42 -2.14 -7.20
OAG NXL B . 13.03 -3.27 -3.94
C CO2 C . 9.00 3.03 -2.43
O1 CO2 C . 9.40 2.15 -1.70
O2 CO2 C . 8.58 3.93 -3.15
S SO4 D . 13.00 23.26 -1.02
O1 SO4 D . 13.34 23.19 0.41
O2 SO4 D . 11.76 22.50 -1.27
O3 SO4 D . 12.78 24.66 -1.39
O4 SO4 D . 14.08 22.71 -1.81
S SO4 E . 4.99 -5.17 18.43
O1 SO4 E . 5.18 -5.72 19.77
O2 SO4 E . 3.61 -5.40 17.99
O3 SO4 E . 5.24 -3.73 18.43
O4 SO4 E . 5.94 -5.84 17.53
S SO4 F . 13.45 -11.32 8.24
O1 SO4 F . 12.18 -10.80 8.75
O2 SO4 F . 13.50 -12.77 8.40
O3 SO4 F . 14.57 -10.72 8.97
O4 SO4 F . 13.56 -10.96 6.82
S SO4 G . 9.48 -7.41 13.22
O1 SO4 G . 10.24 -8.65 13.10
O2 SO4 G . 8.29 -7.63 14.03
O3 SO4 G . 10.31 -6.37 13.84
O4 SO4 G . 9.06 -6.98 11.89
C1 MPD H . -3.19 12.87 14.94
C2 MPD H . -2.83 12.68 13.47
O2 MPD H . -3.59 13.64 12.69
CM MPD H . -1.36 13.01 13.26
C3 MPD H . -3.16 11.28 12.96
C4 MPD H . -2.31 10.15 13.54
O4 MPD H . -2.42 10.08 14.94
C5 MPD H . -2.74 8.80 12.96
#